data_5NAS
#
_entry.id   5NAS
#
_cell.length_a   71.822
_cell.length_b   83.553
_cell.length_c   111.538
_cell.angle_alpha   90.00
_cell.angle_beta   90.00
_cell.angle_gamma   90.00
#
_symmetry.space_group_name_H-M   'P 21 21 21'
#
loop_
_entity.id
_entity.type
_entity.pdbx_description
1 polymer '14-3-3 protein zeta/delta'
2 polymer 'Phosphatidylinositol 4-kinase beta'
3 water water
#
loop_
_entity_poly.entity_id
_entity_poly.type
_entity_poly.pdbx_seq_one_letter_code
_entity_poly.pdbx_strand_id
1 'polypeptide(L)'
;GAMDKNELVQKAKLAEQAERYDDMAACMKSVTEQGAELSNEERNLLSVAYKNVVGARRSSWRVVSSIEQKTEGAEKKQQM
AREYREKIETELRDICNDVLSLLEKFLIPNASQAESKVFYLKMKGDYYRYLAEVAAGDDKKGIVDQSQQAYQEAFEISKK
EMQPTHPIRLGLALNFSVFYYEILNSPEKACSLAKTAFDEAIAELDTLSEESYKDSTLIMQLLRDNLTLWTS
;
A,B
2 'polypeptide(L)' LKRTA(SEP)NPK C,D
#
# COMPACT_ATOMS: atom_id res chain seq x y z
N MET A 3 5.47 -26.83 -0.26
CA MET A 3 6.68 -26.53 0.51
C MET A 3 7.95 -26.91 -0.26
N ASP A 4 7.82 -27.05 -1.59
CA ASP A 4 8.99 -27.23 -2.46
C ASP A 4 9.62 -25.86 -2.74
N LYS A 5 10.94 -25.81 -2.87
CA LYS A 5 11.62 -24.52 -2.97
C LYS A 5 11.29 -23.70 -4.23
N ASN A 6 11.32 -24.33 -5.41
CA ASN A 6 11.10 -23.56 -6.63
C ASN A 6 9.64 -23.11 -6.78
N GLU A 7 8.72 -23.83 -6.17
CA GLU A 7 7.35 -23.32 -6.13
C GLU A 7 7.23 -22.16 -5.13
N LEU A 8 7.96 -22.24 -4.02
CA LEU A 8 7.97 -21.14 -3.05
C LEU A 8 8.51 -19.87 -3.73
N VAL A 9 9.53 -20.03 -4.56
CA VAL A 9 10.09 -18.93 -5.32
C VAL A 9 9.11 -18.40 -6.36
N GLN A 10 8.38 -19.31 -7.01
CA GLN A 10 7.44 -18.85 -8.01
C GLN A 10 6.25 -18.16 -7.32
N LYS A 11 5.83 -18.66 -6.15
CA LYS A 11 4.73 -17.99 -5.44
C LYS A 11 5.18 -16.60 -4.98
N ALA A 12 6.45 -16.47 -4.61
CA ALA A 12 6.99 -15.16 -4.23
C ALA A 12 6.91 -14.16 -5.37
N LYS A 13 7.27 -14.61 -6.57
CA LYS A 13 7.22 -13.75 -7.75
C LYS A 13 5.79 -13.32 -8.04
N LEU A 14 4.85 -14.23 -7.82
CA LEU A 14 3.42 -13.92 -7.97
C LEU A 14 2.96 -12.87 -6.96
N ALA A 15 3.35 -13.05 -5.71
CA ALA A 15 2.99 -12.10 -4.67
C ALA A 15 3.56 -10.73 -4.99
N GLU A 16 4.80 -10.70 -5.51
CA GLU A 16 5.41 -9.42 -5.87
C GLU A 16 4.55 -8.73 -6.93
N GLN A 17 4.12 -9.47 -7.94
CA GLN A 17 3.27 -8.91 -9.01
C GLN A 17 1.95 -8.35 -8.44
N ALA A 18 1.38 -9.08 -7.49
CA ALA A 18 0.12 -8.71 -6.85
C ALA A 18 0.28 -7.58 -5.83
N GLU A 19 1.52 -7.18 -5.59
CA GLU A 19 1.91 -6.24 -4.53
C GLU A 19 1.42 -6.73 -3.16
N ARG A 20 1.56 -8.02 -2.91
CA ARG A 20 1.22 -8.60 -1.61
C ARG A 20 2.53 -8.98 -0.93
N TYR A 21 3.16 -8.00 -0.27
CA TYR A 21 4.54 -8.18 0.15
C TYR A 21 4.65 -9.01 1.41
N ASP A 22 3.60 -9.06 2.23
CA ASP A 22 3.60 -9.97 3.36
C ASP A 22 3.70 -11.41 2.86
N ASP A 23 2.90 -11.74 1.83
CA ASP A 23 2.94 -13.07 1.23
C ASP A 23 4.32 -13.33 0.62
N MET A 24 4.85 -12.35 -0.09
CA MET A 24 6.16 -12.47 -0.71
C MET A 24 7.24 -12.81 0.34
N ALA A 25 7.22 -12.06 1.44
CA ALA A 25 8.20 -12.25 2.50
C ALA A 25 8.09 -13.65 3.14
N ALA A 26 6.85 -14.12 3.33
CA ALA A 26 6.62 -15.44 3.94
C ALA A 26 7.18 -16.56 3.06
N CYS A 27 6.96 -16.46 1.75
CA CYS A 27 7.53 -17.43 0.82
C CYS A 27 9.07 -17.44 0.91
N MET A 28 9.69 -16.26 0.86
CA MET A 28 11.15 -16.19 0.85
C MET A 28 11.75 -16.51 2.22
N LYS A 29 11.02 -16.26 3.28
CA LYS A 29 11.48 -16.67 4.61
C LYS A 29 11.58 -18.20 4.65
N SER A 30 10.57 -18.87 4.10
CA SER A 30 10.52 -20.34 4.02
C SER A 30 11.63 -20.91 3.14
N VAL A 31 11.89 -20.25 2.02
CA VAL A 31 13.01 -20.64 1.18
C VAL A 31 14.32 -20.59 1.96
N THR A 32 14.54 -19.47 2.65
CA THR A 32 15.78 -19.25 3.41
C THR A 32 15.95 -20.29 4.52
N GLU A 33 14.85 -20.61 5.19
CA GLU A 33 14.87 -21.53 6.32
C GLU A 33 15.16 -22.98 5.89
N GLN A 34 15.11 -23.25 4.60
CA GLN A 34 15.49 -24.58 4.10
C GLN A 34 16.99 -24.79 4.23
N GLY A 35 17.72 -23.70 4.47
CA GLY A 35 19.10 -23.76 4.90
C GLY A 35 20.19 -23.66 3.85
N ALA A 36 19.82 -23.74 2.58
CA ALA A 36 20.80 -23.63 1.51
C ALA A 36 21.06 -22.17 1.10
N GLU A 37 22.28 -21.87 0.65
CA GLU A 37 22.65 -20.55 0.18
C GLU A 37 21.71 -20.08 -0.94
N LEU A 38 21.27 -18.83 -0.85
CA LEU A 38 20.36 -18.25 -1.84
C LEU A 38 21.08 -17.88 -3.12
N SER A 39 20.45 -18.16 -4.26
CA SER A 39 20.91 -17.61 -5.52
C SER A 39 20.78 -16.09 -5.47
N ASN A 40 21.42 -15.39 -6.41
CA ASN A 40 21.32 -13.94 -6.48
C ASN A 40 19.87 -13.49 -6.65
N GLU A 41 19.11 -14.26 -7.45
CA GLU A 41 17.68 -14.01 -7.66
C GLU A 41 16.85 -14.16 -6.39
N GLU A 42 17.08 -15.23 -5.63
CA GLU A 42 16.39 -15.44 -4.37
C GLU A 42 16.74 -14.36 -3.35
N ARG A 43 18.03 -14.04 -3.29
CA ARG A 43 18.55 -12.99 -2.42
C ARG A 43 17.82 -11.68 -2.68
N ASN A 44 17.65 -11.35 -3.97
CA ASN A 44 16.99 -10.11 -4.33
C ASN A 44 15.50 -10.15 -4.02
N LEU A 45 14.85 -11.29 -4.24
CA LEU A 45 13.43 -11.44 -3.88
C LEU A 45 13.21 -11.28 -2.36
N LEU A 46 14.06 -11.92 -1.55
CA LEU A 46 13.98 -11.82 -0.10
C LEU A 46 14.13 -10.37 0.34
N SER A 47 15.14 -9.70 -0.19
CA SER A 47 15.44 -8.31 0.17
C SER A 47 14.34 -7.35 -0.24
N VAL A 48 13.83 -7.46 -1.46
CA VAL A 48 12.72 -6.64 -1.92
C VAL A 48 11.45 -6.88 -1.07
N ALA A 49 11.16 -8.14 -0.75
CA ALA A 49 9.97 -8.44 0.03
C ALA A 49 10.00 -7.72 1.40
N TYR A 50 11.09 -7.90 2.14
CA TYR A 50 11.15 -7.31 3.49
C TYR A 50 11.34 -5.80 3.44
N LYS A 51 12.05 -5.30 2.43
CA LYS A 51 12.16 -3.85 2.27
C LYS A 51 10.76 -3.20 2.24
N ASN A 52 9.84 -3.81 1.50
CA ASN A 52 8.47 -3.31 1.40
C ASN A 52 7.62 -3.54 2.65
N VAL A 53 7.84 -4.68 3.29
CA VAL A 53 7.11 -5.01 4.51
C VAL A 53 7.49 -4.04 5.63
N VAL A 54 8.78 -3.83 5.84
CA VAL A 54 9.22 -2.95 6.90
C VAL A 54 8.99 -1.49 6.50
N GLY A 55 9.05 -1.23 5.20
CA GLY A 55 8.92 0.12 4.68
C GLY A 55 7.55 0.71 4.94
N ALA A 56 6.53 -0.12 4.78
CA ALA A 56 5.16 0.31 5.09
C ALA A 56 5.02 0.69 6.57
N ARG A 57 5.63 -0.08 7.47
CA ARG A 57 5.56 0.26 8.90
C ARG A 57 6.37 1.51 9.25
N ARG A 58 7.56 1.65 8.66
CA ARG A 58 8.39 2.83 8.87
C ARG A 58 7.65 4.09 8.42
N SER A 59 7.03 4.01 7.24
CA SER A 59 6.27 5.14 6.71
C SER A 59 5.12 5.50 7.67
N SER A 60 4.35 4.51 8.11
CA SER A 60 3.26 4.73 9.07
C SER A 60 3.78 5.35 10.35
N TRP A 61 4.91 4.82 10.84
CA TRP A 61 5.51 5.30 12.08
C TRP A 61 5.88 6.78 11.98
N ARG A 62 6.46 7.19 10.86
CA ARG A 62 6.84 8.59 10.68
C ARG A 62 5.60 9.49 10.72
N VAL A 63 4.52 9.04 10.07
CA VAL A 63 3.27 9.81 10.06
C VAL A 63 2.72 10.00 11.47
N VAL A 64 2.61 8.91 12.21
CA VAL A 64 1.98 8.97 13.51
C VAL A 64 2.89 9.68 14.51
N SER A 65 4.19 9.45 14.42
CA SER A 65 5.14 10.11 15.31
C SER A 65 5.10 11.62 15.10
N SER A 66 5.00 12.03 13.84
CA SER A 66 4.88 13.45 13.53
C SER A 66 3.61 14.04 14.16
N ILE A 67 2.50 13.32 14.02
CA ILE A 67 1.23 13.76 14.62
C ILE A 67 1.36 13.85 16.14
N GLU A 68 2.05 12.88 16.74
CA GLU A 68 2.26 12.91 18.18
C GLU A 68 2.99 14.20 18.57
N GLN A 69 3.97 14.61 17.76
CA GLN A 69 4.73 15.82 18.02
C GLN A 69 3.89 17.09 17.84
N LYS A 70 2.98 17.10 16.86
CA LYS A 70 2.18 18.28 16.58
C LYS A 70 0.90 18.37 17.41
N THR A 71 0.71 17.47 18.36
CA THR A 71 -0.47 17.50 19.20
C THR A 71 -0.08 17.73 20.65
N GLU A 72 1.08 18.36 20.85
CA GLU A 72 1.46 18.82 22.16
C GLU A 72 0.38 19.79 22.66
N GLY A 73 0.02 19.67 23.94
CA GLY A 73 -1.04 20.52 24.47
C GLY A 73 -2.45 20.05 24.13
N ALA A 74 -2.54 18.93 23.42
CA ALA A 74 -3.83 18.29 23.13
C ALA A 74 -3.82 16.86 23.66
N GLU A 75 -4.10 16.72 24.96
CA GLU A 75 -3.75 15.51 25.68
C GLU A 75 -4.38 14.20 25.19
N LYS A 76 -5.67 14.18 24.89
CA LYS A 76 -6.32 12.96 24.42
C LYS A 76 -5.75 12.52 23.06
N LYS A 77 -5.63 13.47 22.16
CA LYS A 77 -5.10 13.17 20.84
C LYS A 77 -3.65 12.68 20.91
N GLN A 78 -2.85 13.29 21.78
CA GLN A 78 -1.46 12.91 21.86
C GLN A 78 -1.29 11.53 22.48
N GLN A 79 -2.05 11.20 23.50
CA GLN A 79 -1.93 9.88 24.10
C GLN A 79 -2.40 8.78 23.15
N MET A 80 -3.41 9.08 22.34
CA MET A 80 -3.87 8.12 21.34
C MET A 80 -2.79 7.93 20.25
N ALA A 81 -2.19 9.03 19.82
CA ALA A 81 -1.13 8.99 18.83
C ALA A 81 0.04 8.17 19.37
N ARG A 82 0.44 8.41 20.62
CA ARG A 82 1.48 7.63 21.26
C ARG A 82 1.15 6.13 21.31
N GLU A 83 -0.07 5.78 21.70
CA GLU A 83 -0.44 4.37 21.79
C GLU A 83 -0.41 3.68 20.43
N TYR A 84 -0.86 4.39 19.40
CA TYR A 84 -0.86 3.83 18.07
C TYR A 84 0.59 3.70 17.57
N ARG A 85 1.41 4.71 17.85
CA ARG A 85 2.82 4.64 17.50
C ARG A 85 3.49 3.43 18.13
N GLU A 86 3.17 3.16 19.40
CA GLU A 86 3.77 2.03 20.11
C GLU A 86 3.34 0.71 19.47
N LYS A 87 2.10 0.65 18.99
CA LYS A 87 1.57 -0.52 18.34
C LYS A 87 2.29 -0.80 17.01
N ILE A 88 2.51 0.26 16.25
CA ILE A 88 3.25 0.19 15.01
C ILE A 88 4.68 -0.26 15.26
N GLU A 89 5.31 0.29 16.31
CA GLU A 89 6.67 -0.06 16.68
C GLU A 89 6.82 -1.55 16.98
N THR A 90 5.82 -2.14 17.60
CA THR A 90 5.86 -3.55 17.91
C THR A 90 5.88 -4.38 16.63
N GLU A 91 5.05 -4.04 15.67
CA GLU A 91 5.09 -4.71 14.37
C GLU A 91 6.46 -4.57 13.74
N LEU A 92 6.95 -3.34 13.78
CA LEU A 92 8.18 -2.98 13.13
C LEU A 92 9.35 -3.75 13.74
N ARG A 93 9.39 -3.84 15.08
CA ARG A 93 10.45 -4.60 15.74
C ARG A 93 10.38 -6.09 15.42
N ASP A 94 9.17 -6.66 15.36
CA ASP A 94 9.02 -8.08 15.01
C ASP A 94 9.51 -8.36 13.59
N ILE A 95 9.26 -7.45 12.66
CA ILE A 95 9.75 -7.62 11.29
C ILE A 95 11.28 -7.58 11.28
N CYS A 96 11.86 -6.57 11.93
CA CYS A 96 13.32 -6.44 11.96
C CYS A 96 13.97 -7.65 12.64
N ASN A 97 13.38 -8.11 13.75
CA ASN A 97 13.90 -9.29 14.43
C ASN A 97 13.81 -10.58 13.59
N ASP A 98 12.75 -10.76 12.82
CA ASP A 98 12.70 -11.88 11.87
C ASP A 98 13.88 -11.81 10.87
N VAL A 99 14.07 -10.65 10.25
CA VAL A 99 15.15 -10.51 9.27
C VAL A 99 16.52 -10.68 9.91
N LEU A 100 16.75 -10.06 11.06
CA LEU A 100 18.04 -10.17 11.72
C LEU A 100 18.31 -11.62 12.14
N SER A 101 17.26 -12.37 12.47
CA SER A 101 17.46 -13.77 12.79
C SER A 101 17.81 -14.61 11.54
N LEU A 102 17.12 -14.36 10.43
CA LEU A 102 17.47 -15.01 9.15
C LEU A 102 18.93 -14.71 8.78
N LEU A 103 19.36 -13.49 9.01
CA LEU A 103 20.72 -13.06 8.70
C LEU A 103 21.75 -13.81 9.56
N GLU A 104 21.48 -13.92 10.86
CA GLU A 104 22.38 -14.63 11.78
C GLU A 104 22.40 -16.14 11.56
N LYS A 105 21.24 -16.73 11.33
CA LYS A 105 21.14 -18.18 11.25
C LYS A 105 21.52 -18.73 9.89
N PHE A 106 21.16 -18.01 8.83
CA PHE A 106 21.35 -18.56 7.50
C PHE A 106 22.21 -17.72 6.55
N LEU A 107 21.83 -16.46 6.34
CA LEU A 107 22.37 -15.67 5.23
C LEU A 107 23.85 -15.39 5.41
N ILE A 108 24.23 -14.84 6.56
CA ILE A 108 25.63 -14.50 6.78
C ILE A 108 26.54 -15.75 6.93
N PRO A 109 26.11 -16.79 7.67
CA PRO A 109 26.98 -17.98 7.72
C PRO A 109 27.13 -18.70 6.38
N ASN A 110 26.12 -18.69 5.52
CA ASN A 110 26.21 -19.39 4.23
C ASN A 110 26.87 -18.57 3.13
N ALA A 111 27.25 -17.33 3.41
CA ALA A 111 27.81 -16.47 2.37
C ALA A 111 29.21 -16.93 1.97
N SER A 112 29.31 -17.55 0.79
CA SER A 112 30.60 -18.08 0.31
C SER A 112 31.46 -16.97 -0.32
N GLN A 113 30.82 -15.99 -0.96
CA GLN A 113 31.54 -14.94 -1.70
C GLN A 113 31.63 -13.59 -0.96
N ALA A 114 32.61 -12.79 -1.33
CA ALA A 114 32.80 -11.49 -0.71
C ALA A 114 31.57 -10.61 -0.97
N GLU A 115 31.03 -10.69 -2.19
CA GLU A 115 29.90 -9.85 -2.56
C GLU A 115 28.63 -10.09 -1.72
N SER A 116 28.32 -11.34 -1.46
CA SER A 116 27.14 -11.65 -0.64
C SER A 116 27.42 -11.34 0.83
N LYS A 117 28.65 -11.52 1.29
CA LYS A 117 28.98 -11.17 2.66
C LYS A 117 28.77 -9.64 2.89
N VAL A 118 29.20 -8.82 1.93
CA VAL A 118 28.97 -7.36 1.98
C VAL A 118 27.47 -7.04 1.95
N PHE A 119 26.75 -7.70 1.04
CA PHE A 119 25.31 -7.52 0.88
C PHE A 119 24.56 -7.80 2.17
N TYR A 120 24.84 -8.95 2.79
CA TYR A 120 24.08 -9.36 3.97
C TYR A 120 24.51 -8.57 5.20
N LEU A 121 25.81 -8.24 5.32
CA LEU A 121 26.24 -7.43 6.44
C LEU A 121 25.64 -6.02 6.35
N LYS A 122 25.56 -5.49 5.13
CA LYS A 122 24.92 -4.19 4.90
C LYS A 122 23.45 -4.28 5.34
N MET A 123 22.81 -5.37 4.94
CA MET A 123 21.43 -5.64 5.31
C MET A 123 21.28 -5.71 6.84
N LYS A 124 22.23 -6.34 7.51
CA LYS A 124 22.24 -6.35 8.97
C LYS A 124 22.38 -4.93 9.53
N GLY A 125 23.31 -4.15 8.97
CA GLY A 125 23.38 -2.73 9.27
C GLY A 125 22.04 -2.01 9.09
N ASP A 126 21.36 -2.26 7.97
CA ASP A 126 20.10 -1.58 7.67
C ASP A 126 19.04 -1.90 8.71
N TYR A 127 18.85 -3.18 9.00
CA TYR A 127 17.73 -3.54 9.85
C TYR A 127 17.99 -3.19 11.32
N TYR A 128 19.25 -3.15 11.75
CA TYR A 128 19.53 -2.61 13.07
C TYR A 128 19.29 -1.11 13.08
N ARG A 129 19.58 -0.44 11.97
CA ARG A 129 19.29 0.99 11.84
C ARG A 129 17.78 1.25 11.93
N TYR A 130 16.97 0.41 11.31
CA TYR A 130 15.52 0.59 11.40
C TYR A 130 15.06 0.40 12.86
N LEU A 131 15.65 -0.56 13.58
CA LEU A 131 15.40 -0.67 15.02
C LEU A 131 15.88 0.58 15.78
N ALA A 132 17.01 1.14 15.37
CA ALA A 132 17.55 2.32 16.06
C ALA A 132 16.63 3.53 15.86
N GLU A 133 15.98 3.60 14.71
CA GLU A 133 15.06 4.70 14.39
C GLU A 133 13.94 4.80 15.43
N VAL A 134 13.56 3.66 16.03
CA VAL A 134 12.44 3.63 16.95
C VAL A 134 12.83 3.20 18.36
N ALA A 135 14.12 2.98 18.60
CA ALA A 135 14.56 2.62 19.94
C ALA A 135 14.59 3.85 20.83
N ALA A 136 14.20 3.69 22.09
CA ALA A 136 14.35 4.78 23.04
C ALA A 136 14.99 4.21 24.31
N GLY A 137 15.65 5.08 25.06
CA GLY A 137 16.23 4.72 26.35
C GLY A 137 17.35 3.68 26.33
N ASP A 138 17.29 2.76 27.29
CA ASP A 138 18.34 1.74 27.54
C ASP A 138 18.83 0.95 26.32
N ASP A 139 17.91 0.45 25.49
CA ASP A 139 18.26 -0.48 24.43
C ASP A 139 19.03 0.20 23.31
N LYS A 140 18.83 1.51 23.18
CA LYS A 140 19.25 2.23 22.00
C LYS A 140 20.75 2.11 21.69
N LYS A 141 21.62 2.42 22.65
CA LYS A 141 23.05 2.44 22.37
C LYS A 141 23.55 1.07 21.86
N GLY A 142 23.04 -0.02 22.44
CA GLY A 142 23.43 -1.35 21.99
C GLY A 142 22.97 -1.59 20.56
N ILE A 143 21.74 -1.18 20.26
CA ILE A 143 21.19 -1.35 18.91
C ILE A 143 22.03 -0.54 17.91
N VAL A 144 22.31 0.73 18.25
CA VAL A 144 23.12 1.60 17.39
C VAL A 144 24.52 1.01 17.11
N ASP A 145 25.15 0.44 18.15
CA ASP A 145 26.48 -0.15 17.96
C ASP A 145 26.45 -1.40 17.07
N GLN A 146 25.37 -2.18 17.17
CA GLN A 146 25.20 -3.35 16.30
C GLN A 146 25.14 -2.90 14.85
N SER A 147 24.37 -1.83 14.62
CA SER A 147 24.27 -1.29 13.27
C SER A 147 25.63 -0.83 12.78
N GLN A 148 26.33 -0.05 13.60
CA GLN A 148 27.60 0.51 13.17
C GLN A 148 28.63 -0.59 12.83
N GLN A 149 28.69 -1.60 13.68
CA GLN A 149 29.63 -2.70 13.52
C GLN A 149 29.38 -3.52 12.26
N ALA A 150 28.11 -3.79 11.96
CA ALA A 150 27.77 -4.53 10.75
C ALA A 150 28.14 -3.71 9.50
N TYR A 151 27.75 -2.43 9.48
CA TYR A 151 28.13 -1.52 8.41
C TYR A 151 29.66 -1.44 8.24
N GLN A 152 30.36 -1.24 9.35
CA GLN A 152 31.83 -1.08 9.31
C GLN A 152 32.52 -2.31 8.70
N GLU A 153 32.14 -3.50 9.13
CA GLU A 153 32.73 -4.72 8.56
C GLU A 153 32.37 -4.83 7.08
N ALA A 154 31.12 -4.55 6.72
CA ALA A 154 30.71 -4.52 5.31
C ALA A 154 31.61 -3.58 4.52
N PHE A 155 31.80 -2.39 5.08
CA PHE A 155 32.56 -1.30 4.48
C PHE A 155 34.01 -1.69 4.19
N GLU A 156 34.65 -2.29 5.17
CA GLU A 156 36.04 -2.74 5.03
C GLU A 156 36.18 -3.81 3.95
N ILE A 157 35.27 -4.79 3.97
CA ILE A 157 35.32 -5.84 2.98
C ILE A 157 35.09 -5.26 1.58
N SER A 158 34.12 -4.36 1.44
CA SER A 158 33.78 -3.82 0.13
C SER A 158 34.94 -3.00 -0.44
N LYS A 159 35.62 -2.24 0.43
CA LYS A 159 36.75 -1.42 -0.03
C LYS A 159 37.91 -2.30 -0.49
N LYS A 160 38.06 -3.45 0.15
CA LYS A 160 39.14 -4.34 -0.21
C LYS A 160 38.85 -5.18 -1.45
N GLU A 161 37.59 -5.60 -1.64
CA GLU A 161 37.26 -6.59 -2.66
C GLU A 161 36.47 -6.07 -3.86
N MET A 162 35.87 -4.89 -3.75
CA MET A 162 34.99 -4.43 -4.83
C MET A 162 35.49 -3.13 -5.43
N GLN A 163 35.23 -2.95 -6.72
CA GLN A 163 35.54 -1.68 -7.39
C GLN A 163 34.71 -0.53 -6.80
N PRO A 164 35.25 0.69 -6.83
CA PRO A 164 34.56 1.88 -6.31
C PRO A 164 33.20 2.11 -6.95
N THR A 165 33.00 1.57 -8.15
CA THR A 165 31.74 1.77 -8.85
C THR A 165 30.74 0.65 -8.64
N HIS A 166 31.08 -0.36 -7.84
CA HIS A 166 30.16 -1.48 -7.63
C HIS A 166 28.89 -1.00 -6.93
N PRO A 167 27.70 -1.35 -7.46
CA PRO A 167 26.44 -0.84 -6.89
C PRO A 167 26.23 -1.25 -5.44
N ILE A 168 26.72 -2.43 -5.06
CA ILE A 168 26.60 -2.87 -3.68
C ILE A 168 27.50 -2.03 -2.77
N ARG A 169 28.75 -1.77 -3.21
CA ARG A 169 29.66 -0.89 -2.46
C ARG A 169 29.12 0.54 -2.41
N LEU A 170 28.58 1.02 -3.52
CA LEU A 170 27.99 2.36 -3.52
C LEU A 170 26.75 2.42 -2.59
N GLY A 171 25.90 1.40 -2.66
CA GLY A 171 24.68 1.33 -1.85
C GLY A 171 24.97 1.30 -0.37
N LEU A 172 26.05 0.60 -0.02
CA LEU A 172 26.55 0.57 1.35
C LEU A 172 27.05 1.93 1.81
N ALA A 173 27.87 2.59 0.99
CA ALA A 173 28.35 3.92 1.35
C ALA A 173 27.17 4.87 1.57
N LEU A 174 26.19 4.82 0.68
CA LEU A 174 24.99 5.64 0.81
C LEU A 174 24.29 5.39 2.14
N ASN A 175 23.97 4.13 2.45
CA ASN A 175 23.24 3.85 3.69
C ASN A 175 24.05 4.08 4.97
N PHE A 176 25.37 3.84 4.90
CA PHE A 176 26.24 4.05 6.05
C PHE A 176 26.32 5.58 6.29
N SER A 177 26.36 6.38 5.23
CA SER A 177 26.37 7.83 5.40
C SER A 177 25.04 8.29 6.05
N VAL A 178 23.94 7.70 5.62
CA VAL A 178 22.63 7.99 6.22
C VAL A 178 22.60 7.59 7.69
N PHE A 179 23.21 6.45 8.02
CA PHE A 179 23.39 6.06 9.42
C PHE A 179 24.10 7.15 10.26
N TYR A 180 25.21 7.65 9.76
CA TYR A 180 25.95 8.71 10.47
C TYR A 180 25.11 9.96 10.62
N TYR A 181 24.40 10.34 9.56
CA TYR A 181 23.62 11.56 9.57
C TYR A 181 22.40 11.45 10.48
N GLU A 182 21.58 10.41 10.30
CA GLU A 182 20.31 10.33 11.00
C GLU A 182 20.39 9.62 12.35
N ILE A 183 21.26 8.63 12.48
CA ILE A 183 21.31 7.87 13.72
C ILE A 183 22.38 8.42 14.69
N LEU A 184 23.60 8.63 14.20
CA LEU A 184 24.65 9.15 15.07
C LEU A 184 24.68 10.68 15.14
N ASN A 185 23.79 11.35 14.41
CA ASN A 185 23.81 12.81 14.33
C ASN A 185 25.19 13.37 14.02
N SER A 186 25.89 12.75 13.07
CA SER A 186 27.23 13.20 12.69
C SER A 186 27.30 13.63 11.23
N PRO A 187 26.84 14.87 10.94
CA PRO A 187 26.80 15.42 9.57
C PRO A 187 28.16 15.44 8.86
N GLU A 188 29.22 15.79 9.56
CA GLU A 188 30.54 15.89 8.92
C GLU A 188 31.05 14.52 8.49
N LYS A 189 30.86 13.52 9.34
CA LYS A 189 31.28 12.17 8.99
C LYS A 189 30.40 11.64 7.84
N ALA A 190 29.12 12.00 7.87
CA ALA A 190 28.19 11.57 6.83
C ALA A 190 28.59 12.15 5.47
N CYS A 191 28.90 13.45 5.45
CA CYS A 191 29.30 14.14 4.23
C CYS A 191 30.63 13.62 3.69
N SER A 192 31.60 13.47 4.59
CA SER A 192 32.90 12.92 4.25
C SER A 192 32.76 11.53 3.61
N LEU A 193 31.99 10.66 4.25
CA LEU A 193 31.79 9.30 3.72
C LEU A 193 31.13 9.34 2.33
N ALA A 194 30.06 10.14 2.18
CA ALA A 194 29.35 10.25 0.90
C ALA A 194 30.23 10.84 -0.19
N LYS A 195 30.95 11.93 0.15
CA LYS A 195 31.80 12.60 -0.83
C LYS A 195 32.94 11.71 -1.31
N THR A 196 33.58 11.03 -0.37
CA THR A 196 34.65 10.10 -0.71
C THR A 196 34.13 8.99 -1.64
N ALA A 197 32.99 8.41 -1.30
CA ALA A 197 32.43 7.34 -2.15
C ALA A 197 32.15 7.88 -3.56
N PHE A 198 31.53 9.05 -3.63
CA PHE A 198 31.24 9.65 -4.93
C PHE A 198 32.54 9.89 -5.71
N ASP A 199 33.50 10.55 -5.07
CA ASP A 199 34.74 10.94 -5.74
C ASP A 199 35.58 9.74 -6.16
N GLU A 200 35.61 8.70 -5.34
CA GLU A 200 36.37 7.51 -5.70
C GLU A 200 35.72 6.78 -6.88
N ALA A 201 34.40 6.87 -7.01
CA ALA A 201 33.73 6.25 -8.14
C ALA A 201 33.99 7.06 -9.42
N ILE A 202 33.92 8.39 -9.32
CA ILE A 202 34.23 9.27 -10.46
C ILE A 202 35.64 9.00 -10.99
N ALA A 203 36.58 8.78 -10.08
CA ALA A 203 37.99 8.60 -10.46
C ALA A 203 38.25 7.27 -11.16
N GLU A 204 37.27 6.37 -11.19
CA GLU A 204 37.50 5.08 -11.81
C GLU A 204 36.29 4.61 -12.58
N LEU A 205 35.76 5.48 -13.45
CA LEU A 205 34.57 5.12 -14.23
C LEU A 205 34.88 4.02 -15.25
N ASP A 206 36.16 3.72 -15.46
CA ASP A 206 36.53 2.60 -16.32
C ASP A 206 36.11 1.25 -15.71
N THR A 207 35.93 1.20 -14.38
CA THR A 207 35.53 -0.05 -13.72
C THR A 207 34.02 -0.29 -13.73
N LEU A 208 33.26 0.58 -14.40
CA LEU A 208 31.83 0.32 -14.55
C LEU A 208 31.61 -0.89 -15.43
N SER A 209 30.58 -1.68 -15.13
CA SER A 209 30.18 -2.74 -16.05
C SER A 209 28.89 -2.27 -16.68
N GLU A 210 28.58 -2.76 -17.87
CA GLU A 210 27.41 -2.26 -18.58
C GLU A 210 26.08 -2.88 -18.12
N GLU A 211 26.15 -4.04 -17.50
CA GLU A 211 24.94 -4.69 -16.97
C GLU A 211 24.36 -3.94 -15.77
N SER A 212 25.21 -3.26 -15.02
CA SER A 212 24.77 -2.63 -13.78
C SER A 212 25.10 -1.12 -13.71
N TYR A 213 25.63 -0.55 -14.80
CA TYR A 213 26.06 0.86 -14.77
C TYR A 213 24.91 1.81 -14.45
N LYS A 214 23.69 1.41 -14.75
CA LYS A 214 22.52 2.26 -14.46
C LYS A 214 22.26 2.34 -12.96
N ASP A 215 22.47 1.22 -12.26
CA ASP A 215 22.36 1.20 -10.81
C ASP A 215 23.44 2.06 -10.19
N SER A 216 24.66 1.91 -10.69
CA SER A 216 25.78 2.64 -10.11
C SER A 216 25.59 4.15 -10.24
N THR A 217 25.19 4.62 -11.42
CA THR A 217 25.06 6.07 -11.61
C THR A 217 23.85 6.62 -10.86
N LEU A 218 22.78 5.82 -10.70
CA LEU A 218 21.67 6.33 -9.88
C LEU A 218 22.11 6.54 -8.43
N ILE A 219 22.84 5.59 -7.87
CA ILE A 219 23.26 5.71 -6.47
C ILE A 219 24.21 6.89 -6.31
N MET A 220 25.12 7.08 -7.28
CA MET A 220 26.02 8.23 -7.23
C MET A 220 25.24 9.54 -7.17
N GLN A 221 24.18 9.63 -7.97
CA GLN A 221 23.35 10.83 -7.93
C GLN A 221 22.68 11.04 -6.58
N LEU A 222 22.27 9.94 -5.93
CA LEU A 222 21.65 10.02 -4.60
C LEU A 222 22.65 10.43 -3.53
N LEU A 223 23.85 9.88 -3.62
CA LEU A 223 24.94 10.31 -2.74
C LEU A 223 25.10 11.83 -2.80
N ARG A 224 25.16 12.37 -4.01
CA ARG A 224 25.38 13.81 -4.16
C ARG A 224 24.14 14.61 -3.77
N ASP A 225 22.96 14.06 -3.99
CA ASP A 225 21.73 14.70 -3.52
C ASP A 225 21.79 14.89 -2.01
N ASN A 226 22.14 13.83 -1.28
CA ASN A 226 22.27 13.93 0.17
C ASN A 226 23.32 14.97 0.56
N LEU A 227 24.48 14.89 -0.08
CA LEU A 227 25.58 15.81 0.17
C LEU A 227 25.12 17.25 0.03
N THR A 228 24.41 17.53 -1.06
CA THR A 228 23.85 18.85 -1.33
C THR A 228 22.91 19.28 -0.21
N LEU A 229 22.00 18.39 0.15
CA LEU A 229 21.02 18.68 1.18
C LEU A 229 21.67 18.95 2.54
N TRP A 230 22.63 18.11 2.90
CA TRP A 230 23.26 18.17 4.21
C TRP A 230 24.19 19.38 4.36
N THR A 231 24.74 19.87 3.26
CA THR A 231 25.67 20.99 3.32
C THR A 231 25.04 22.32 2.88
N SER A 232 23.71 22.38 2.78
CA SER A 232 23.05 23.60 2.33
C SER A 232 22.63 24.48 3.50
N MET B 3 -12.96 1.26 23.61
CA MET B 3 -14.18 0.91 22.91
C MET B 3 -15.23 2.03 22.97
N ASP B 4 -14.77 3.24 23.26
CA ASP B 4 -15.63 4.42 23.21
C ASP B 4 -15.76 4.90 21.78
N LYS B 5 -16.92 5.44 21.40
CA LYS B 5 -17.18 5.83 20.02
C LYS B 5 -16.25 6.94 19.50
N ASN B 6 -16.07 8.01 20.29
CA ASN B 6 -15.24 9.11 19.81
C ASN B 6 -13.80 8.71 19.73
N GLU B 7 -13.42 7.76 20.57
CA GLU B 7 -12.08 7.20 20.55
C GLU B 7 -11.90 6.35 19.32
N LEU B 8 -12.89 5.54 18.99
CA LEU B 8 -12.82 4.68 17.81
C LEU B 8 -12.71 5.52 16.53
N VAL B 9 -13.48 6.59 16.47
CA VAL B 9 -13.47 7.51 15.32
C VAL B 9 -12.13 8.23 15.19
N GLN B 10 -11.55 8.62 16.32
CA GLN B 10 -10.24 9.28 16.26
C GLN B 10 -9.16 8.28 15.85
N LYS B 11 -9.24 7.05 16.32
CA LYS B 11 -8.28 6.05 15.91
C LYS B 11 -8.42 5.76 14.42
N ALA B 12 -9.66 5.73 13.92
CA ALA B 12 -9.89 5.53 12.49
C ALA B 12 -9.22 6.63 11.69
N LYS B 13 -9.35 7.89 12.13
CA LYS B 13 -8.71 9.01 11.42
C LYS B 13 -7.20 8.88 11.42
N LEU B 14 -6.66 8.43 12.53
CA LEU B 14 -5.24 8.21 12.68
C LEU B 14 -4.78 7.09 11.72
N ALA B 15 -5.55 6.00 11.67
CA ALA B 15 -5.25 4.88 10.79
C ALA B 15 -5.26 5.30 9.32
N GLU B 16 -6.21 6.17 8.95
CA GLU B 16 -6.29 6.70 7.61
C GLU B 16 -5.01 7.46 7.22
N GLN B 17 -4.53 8.32 8.10
CA GLN B 17 -3.29 9.07 7.85
C GLN B 17 -2.10 8.13 7.68
N ALA B 18 -2.06 7.08 8.50
CA ALA B 18 -0.99 6.10 8.47
C ALA B 18 -1.09 5.11 7.30
N GLU B 19 -2.18 5.24 6.53
CA GLU B 19 -2.53 4.34 5.44
C GLU B 19 -2.62 2.89 5.90
N ARG B 20 -3.20 2.70 7.08
CA ARG B 20 -3.44 1.38 7.62
C ARG B 20 -4.94 1.11 7.60
N TYR B 21 -5.42 0.67 6.44
CA TYR B 21 -6.85 0.67 6.18
C TYR B 21 -7.57 -0.52 6.81
N ASP B 22 -6.83 -1.60 7.09
CA ASP B 22 -7.38 -2.71 7.84
C ASP B 22 -7.77 -2.22 9.24
N ASP B 23 -6.87 -1.47 9.88
CA ASP B 23 -7.13 -0.88 11.20
C ASP B 23 -8.31 0.07 11.14
N MET B 24 -8.30 0.92 10.12
CA MET B 24 -9.37 1.88 9.90
C MET B 24 -10.73 1.20 9.79
N ALA B 25 -10.81 0.16 8.95
CA ALA B 25 -12.07 -0.55 8.74
C ALA B 25 -12.54 -1.21 10.04
N ALA B 26 -11.60 -1.76 10.80
CA ALA B 26 -11.95 -2.44 12.06
C ALA B 26 -12.57 -1.46 13.06
N CYS B 27 -11.96 -0.29 13.20
CA CYS B 27 -12.51 0.77 14.05
C CYS B 27 -13.91 1.18 13.60
N MET B 28 -14.06 1.46 12.30
CA MET B 28 -15.36 1.97 11.86
C MET B 28 -16.44 0.88 11.88
N LYS B 29 -16.03 -0.37 11.71
CA LYS B 29 -16.98 -1.47 11.88
C LYS B 29 -17.50 -1.50 13.32
N SER B 30 -16.61 -1.32 14.28
CA SER B 30 -16.97 -1.31 15.70
C SER B 30 -17.90 -0.17 16.03
N VAL B 31 -17.67 1.00 15.45
CA VAL B 31 -18.59 2.13 15.58
C VAL B 31 -19.99 1.75 15.05
N THR B 32 -20.03 1.19 13.84
CA THR B 32 -21.28 0.81 13.21
C THR B 32 -22.05 -0.19 14.06
N GLU B 33 -21.34 -1.16 14.63
CA GLU B 33 -21.95 -2.22 15.42
C GLU B 33 -22.55 -1.76 16.75
N GLN B 34 -22.27 -0.52 17.14
CA GLN B 34 -22.90 0.05 18.34
C GLN B 34 -24.36 0.39 18.07
N GLY B 35 -24.75 0.41 16.81
CA GLY B 35 -26.16 0.45 16.47
C GLY B 35 -26.75 1.83 16.21
N ALA B 36 -26.01 2.88 16.52
CA ALA B 36 -26.52 4.22 16.28
C ALA B 36 -26.28 4.65 14.83
N GLU B 37 -27.16 5.47 14.28
CA GLU B 37 -27.00 6.00 12.94
C GLU B 37 -25.67 6.76 12.81
N LEU B 38 -24.94 6.51 11.73
CA LEU B 38 -23.64 7.16 11.54
C LEU B 38 -23.80 8.61 11.15
N SER B 39 -22.98 9.48 11.73
CA SER B 39 -22.85 10.86 11.26
C SER B 39 -22.29 10.84 9.86
N ASN B 40 -22.39 11.96 9.17
CA ASN B 40 -21.84 12.07 7.82
C ASN B 40 -20.33 11.78 7.79
N GLU B 41 -19.61 12.29 8.80
CA GLU B 41 -18.18 12.03 8.92
C GLU B 41 -17.88 10.55 9.18
N GLU B 42 -18.63 9.95 10.10
CA GLU B 42 -18.43 8.55 10.41
C GLU B 42 -18.73 7.69 9.18
N ARG B 43 -19.82 8.02 8.51
CA ARG B 43 -20.23 7.33 7.30
C ARG B 43 -19.13 7.35 6.25
N ASN B 44 -18.51 8.51 6.07
CA ASN B 44 -17.47 8.63 5.06
C ASN B 44 -16.18 7.90 5.42
N LEU B 45 -15.81 7.89 6.70
CA LEU B 45 -14.66 7.13 7.18
C LEU B 45 -14.83 5.62 6.94
N LEU B 46 -16.02 5.10 7.22
CA LEU B 46 -16.33 3.70 6.96
C LEU B 46 -16.18 3.38 5.49
N SER B 47 -16.74 4.23 4.66
CA SER B 47 -16.71 4.04 3.22
C SER B 47 -15.29 4.10 2.66
N VAL B 48 -14.52 5.07 3.12
CA VAL B 48 -13.12 5.18 2.69
C VAL B 48 -12.30 3.96 3.12
N ALA B 49 -12.52 3.50 4.36
CA ALA B 49 -11.78 2.36 4.88
C ALA B 49 -12.02 1.09 4.05
N TYR B 50 -13.28 0.73 3.84
CA TYR B 50 -13.54 -0.51 3.12
C TYR B 50 -13.22 -0.38 1.64
N LYS B 51 -13.40 0.82 1.08
CA LYS B 51 -12.97 1.06 -0.30
C LYS B 51 -11.49 0.68 -0.50
N ASN B 52 -10.63 1.08 0.42
CA ASN B 52 -9.20 0.76 0.30
C ASN B 52 -8.90 -0.71 0.60
N VAL B 53 -9.61 -1.26 1.57
CA VAL B 53 -9.44 -2.66 1.93
C VAL B 53 -9.85 -3.56 0.73
N VAL B 54 -11.00 -3.30 0.14
CA VAL B 54 -11.42 -4.12 -0.99
C VAL B 54 -10.62 -3.77 -2.25
N GLY B 55 -10.22 -2.50 -2.40
CA GLY B 55 -9.51 -2.06 -3.59
C GLY B 55 -8.17 -2.76 -3.77
N ALA B 56 -7.46 -2.99 -2.67
CA ALA B 56 -6.20 -3.71 -2.71
C ALA B 56 -6.39 -5.13 -3.26
N ARG B 57 -7.46 -5.78 -2.83
CA ARG B 57 -7.78 -7.14 -3.30
C ARG B 57 -8.22 -7.15 -4.76
N ARG B 58 -9.03 -6.16 -5.15
CA ARG B 58 -9.46 -6.06 -6.53
C ARG B 58 -8.27 -5.88 -7.46
N SER B 59 -7.35 -4.99 -7.10
CA SER B 59 -6.15 -4.78 -7.92
C SER B 59 -5.30 -6.04 -8.00
N SER B 60 -5.04 -6.66 -6.85
CA SER B 60 -4.27 -7.92 -6.82
C SER B 60 -4.94 -9.01 -7.67
N TRP B 61 -6.26 -9.14 -7.55
CA TRP B 61 -6.99 -10.16 -8.29
C TRP B 61 -6.84 -10.00 -9.81
N ARG B 62 -6.93 -8.77 -10.29
CA ARG B 62 -6.80 -8.48 -11.71
C ARG B 62 -5.43 -8.90 -12.24
N VAL B 63 -4.38 -8.58 -11.49
CA VAL B 63 -3.02 -8.96 -11.86
C VAL B 63 -2.89 -10.47 -11.96
N VAL B 64 -3.33 -11.16 -10.91
CA VAL B 64 -3.13 -12.61 -10.87
C VAL B 64 -4.04 -13.37 -11.85
N SER B 65 -5.27 -12.89 -12.04
CA SER B 65 -6.19 -13.52 -12.98
C SER B 65 -5.65 -13.39 -14.40
N SER B 66 -5.10 -12.23 -14.72
CA SER B 66 -4.47 -11.99 -16.02
C SER B 66 -3.30 -12.94 -16.25
N ILE B 67 -2.44 -13.09 -15.26
CA ILE B 67 -1.32 -14.02 -15.33
C ILE B 67 -1.81 -15.46 -15.50
N GLU B 68 -2.88 -15.80 -14.79
CA GLU B 68 -3.46 -17.13 -14.88
C GLU B 68 -3.88 -17.50 -16.30
N GLN B 69 -4.46 -16.52 -17.00
CA GLN B 69 -4.97 -16.72 -18.35
C GLN B 69 -3.86 -16.93 -19.37
N LYS B 70 -2.75 -16.23 -19.19
CA LYS B 70 -1.67 -16.26 -20.16
C LYS B 70 -0.65 -17.38 -19.97
N THR B 71 -0.94 -18.34 -19.09
CA THR B 71 0.00 -19.43 -18.83
C THR B 71 -0.54 -20.82 -19.20
N GLU B 72 -1.46 -20.86 -20.17
CA GLU B 72 -1.94 -22.13 -20.68
C GLU B 72 -0.79 -22.98 -21.27
N GLY B 73 -0.86 -24.29 -21.04
CA GLY B 73 0.19 -25.19 -21.50
C GLY B 73 1.44 -25.27 -20.62
N ALA B 74 1.47 -24.47 -19.55
CA ALA B 74 2.50 -24.57 -18.53
C ALA B 74 1.76 -24.85 -17.23
N GLU B 75 1.33 -26.09 -17.08
CA GLU B 75 0.30 -26.45 -16.12
C GLU B 75 0.69 -26.20 -14.67
N LYS B 76 1.94 -26.49 -14.30
CA LYS B 76 2.37 -26.31 -12.93
C LYS B 76 2.29 -24.82 -12.57
N LYS B 77 2.77 -23.95 -13.46
CA LYS B 77 2.73 -22.52 -13.18
C LYS B 77 1.27 -21.99 -13.15
N GLN B 78 0.43 -22.49 -14.05
CA GLN B 78 -0.98 -22.08 -14.10
C GLN B 78 -1.76 -22.57 -12.89
N GLN B 79 -1.49 -23.78 -12.43
CA GLN B 79 -2.22 -24.26 -11.29
C GLN B 79 -1.84 -23.39 -10.10
N MET B 80 -0.57 -22.96 -10.06
CA MET B 80 -0.11 -22.09 -8.98
C MET B 80 -0.79 -20.73 -9.02
N ALA B 81 -0.88 -20.15 -10.22
CA ALA B 81 -1.56 -18.88 -10.41
C ALA B 81 -3.05 -18.97 -10.03
N ARG B 82 -3.71 -20.04 -10.49
CA ARG B 82 -5.12 -20.28 -10.16
C ARG B 82 -5.38 -20.32 -8.66
N GLU B 83 -4.56 -21.07 -7.94
CA GLU B 83 -4.74 -21.22 -6.50
C GLU B 83 -4.57 -19.89 -5.76
N TYR B 84 -3.63 -19.08 -6.23
CA TYR B 84 -3.40 -17.76 -5.63
C TYR B 84 -4.57 -16.83 -5.95
N ARG B 85 -5.06 -16.85 -7.18
CA ARG B 85 -6.25 -16.06 -7.53
C ARG B 85 -7.42 -16.42 -6.61
N GLU B 86 -7.59 -17.71 -6.34
CA GLU B 86 -8.70 -18.19 -5.52
C GLU B 86 -8.56 -17.74 -4.07
N LYS B 87 -7.32 -17.69 -3.58
CA LYS B 87 -7.09 -17.23 -2.22
C LYS B 87 -7.42 -15.73 -2.10
N ILE B 88 -6.99 -14.96 -3.10
CA ILE B 88 -7.29 -13.53 -3.14
C ILE B 88 -8.78 -13.31 -3.23
N GLU B 89 -9.41 -14.08 -4.09
CA GLU B 89 -10.85 -14.04 -4.27
C GLU B 89 -11.62 -14.31 -2.99
N THR B 90 -11.14 -15.26 -2.19
CA THR B 90 -11.81 -15.57 -0.93
C THR B 90 -11.71 -14.38 0.03
N GLU B 91 -10.54 -13.76 0.12
CA GLU B 91 -10.38 -12.54 0.90
C GLU B 91 -11.36 -11.46 0.42
N LEU B 92 -11.43 -11.31 -0.90
CA LEU B 92 -12.27 -10.29 -1.51
C LEU B 92 -13.75 -10.52 -1.19
N ARG B 93 -14.19 -11.77 -1.32
CA ARG B 93 -15.56 -12.11 -1.01
C ARG B 93 -15.88 -11.89 0.46
N ASP B 94 -14.94 -12.23 1.33
CA ASP B 94 -15.18 -12.06 2.76
C ASP B 94 -15.31 -10.58 3.13
N ILE B 95 -14.51 -9.73 2.48
CA ILE B 95 -14.59 -8.29 2.68
C ILE B 95 -15.95 -7.74 2.22
N CYS B 96 -16.37 -8.11 1.00
CA CYS B 96 -17.64 -7.66 0.47
C CYS B 96 -18.80 -8.14 1.36
N ASN B 97 -18.75 -9.40 1.79
CA ASN B 97 -19.81 -9.94 2.66
C ASN B 97 -19.86 -9.23 4.01
N ASP B 98 -18.69 -8.88 4.52
CA ASP B 98 -18.59 -8.08 5.73
C ASP B 98 -19.37 -6.75 5.59
N VAL B 99 -19.11 -6.02 4.51
CA VAL B 99 -19.77 -4.73 4.28
C VAL B 99 -21.25 -4.90 4.02
N LEU B 100 -21.58 -5.85 3.18
CA LEU B 100 -22.98 -6.08 2.82
C LEU B 100 -23.79 -6.45 4.04
N SER B 101 -23.16 -7.17 4.99
CA SER B 101 -23.87 -7.55 6.23
C SER B 101 -24.10 -6.35 7.16
N LEU B 102 -23.08 -5.51 7.33
CA LEU B 102 -23.23 -4.24 8.04
C LEU B 102 -24.32 -3.39 7.39
N LEU B 103 -24.36 -3.41 6.07
CA LEU B 103 -25.37 -2.62 5.34
C LEU B 103 -26.79 -3.10 5.66
N GLU B 104 -27.02 -4.41 5.63
CA GLU B 104 -28.35 -4.98 5.92
C GLU B 104 -28.75 -4.81 7.37
N LYS B 105 -27.82 -5.01 8.29
CA LYS B 105 -28.21 -5.06 9.69
C LYS B 105 -28.32 -3.67 10.34
N PHE B 106 -27.42 -2.75 9.98
CA PHE B 106 -27.37 -1.45 10.68
C PHE B 106 -27.65 -0.28 9.77
N LEU B 107 -26.87 -0.18 8.69
CA LEU B 107 -26.82 1.05 7.91
C LEU B 107 -28.12 1.36 7.16
N ILE B 108 -28.60 0.42 6.36
CA ILE B 108 -29.82 0.70 5.61
C ILE B 108 -31.07 0.81 6.51
N PRO B 109 -31.24 -0.07 7.52
CA PRO B 109 -32.42 0.14 8.37
C PRO B 109 -32.43 1.45 9.16
N ASN B 110 -31.26 1.95 9.57
CA ASN B 110 -31.17 3.18 10.37
C ASN B 110 -31.18 4.47 9.53
N ALA B 111 -31.23 4.34 8.21
CA ALA B 111 -31.15 5.50 7.35
C ALA B 111 -32.43 6.32 7.43
N SER B 112 -32.38 7.44 8.14
CA SER B 112 -33.59 8.24 8.31
C SER B 112 -33.91 9.16 7.13
N GLN B 113 -32.88 9.79 6.57
CA GLN B 113 -33.07 10.76 5.50
C GLN B 113 -32.73 10.16 4.13
N ALA B 114 -33.27 10.76 3.08
CA ALA B 114 -33.12 10.25 1.72
C ALA B 114 -31.65 10.19 1.27
N GLU B 115 -30.87 11.20 1.63
CA GLU B 115 -29.49 11.24 1.19
C GLU B 115 -28.73 10.05 1.77
N SER B 116 -29.05 9.69 3.01
CA SER B 116 -28.42 8.56 3.65
C SER B 116 -28.87 7.25 3.05
N LYS B 117 -30.16 7.18 2.71
CA LYS B 117 -30.64 5.97 2.09
C LYS B 117 -30.00 5.77 0.72
N VAL B 118 -29.87 6.85 -0.05
CA VAL B 118 -29.21 6.74 -1.34
C VAL B 118 -27.74 6.29 -1.21
N PHE B 119 -27.01 6.89 -0.27
CA PHE B 119 -25.61 6.56 -0.04
C PHE B 119 -25.42 5.06 0.21
N TYR B 120 -26.24 4.51 1.09
CA TYR B 120 -26.06 3.13 1.51
C TYR B 120 -26.53 2.15 0.45
N LEU B 121 -27.62 2.48 -0.25
CA LEU B 121 -28.09 1.64 -1.34
C LEU B 121 -27.07 1.62 -2.47
N LYS B 122 -26.46 2.78 -2.72
CA LYS B 122 -25.38 2.87 -3.71
C LYS B 122 -24.24 1.95 -3.31
N MET B 123 -23.88 2.00 -2.03
CA MET B 123 -22.79 1.19 -1.50
C MET B 123 -23.10 -0.31 -1.63
N LYS B 124 -24.36 -0.67 -1.37
CA LYS B 124 -24.82 -2.05 -1.57
C LYS B 124 -24.68 -2.46 -3.01
N GLY B 125 -25.11 -1.57 -3.91
CA GLY B 125 -24.85 -1.74 -5.33
C GLY B 125 -23.38 -1.98 -5.65
N ASP B 126 -22.49 -1.15 -5.07
CA ASP B 126 -21.05 -1.26 -5.35
C ASP B 126 -20.46 -2.62 -4.91
N TYR B 127 -20.75 -3.03 -3.67
CA TYR B 127 -20.09 -4.22 -3.13
C TYR B 127 -20.63 -5.50 -3.78
N TYR B 128 -21.90 -5.50 -4.21
CA TYR B 128 -22.38 -6.62 -5.02
C TYR B 128 -21.72 -6.59 -6.39
N ARG B 129 -21.48 -5.38 -6.90
CA ARG B 129 -20.78 -5.24 -8.17
C ARG B 129 -19.37 -5.82 -8.07
N TYR B 130 -18.69 -5.59 -6.95
CA TYR B 130 -17.34 -6.12 -6.77
C TYR B 130 -17.38 -7.66 -6.69
N LEU B 131 -18.41 -8.18 -6.04
CA LEU B 131 -18.65 -9.61 -6.04
C LEU B 131 -18.90 -10.12 -7.46
N ALA B 132 -19.64 -9.35 -8.25
CA ALA B 132 -19.97 -9.76 -9.62
C ALA B 132 -18.73 -9.82 -10.49
N GLU B 133 -17.76 -8.95 -10.21
CA GLU B 133 -16.52 -8.90 -10.96
C GLU B 133 -15.81 -10.26 -10.93
N VAL B 134 -15.97 -10.99 -9.83
CA VAL B 134 -15.27 -12.25 -9.65
C VAL B 134 -16.22 -13.45 -9.55
N ALA B 135 -17.51 -13.19 -9.79
CA ALA B 135 -18.49 -14.28 -9.76
C ALA B 135 -18.36 -15.09 -11.03
N ALA B 136 -18.49 -16.40 -10.89
CA ALA B 136 -18.52 -17.28 -12.03
C ALA B 136 -19.68 -18.25 -11.87
N GLY B 137 -20.13 -18.82 -12.97
CA GLY B 137 -21.13 -19.87 -12.93
C GLY B 137 -22.47 -19.50 -12.34
N ASP B 138 -22.96 -20.40 -11.49
CA ASP B 138 -24.29 -20.33 -10.90
C ASP B 138 -24.65 -18.98 -10.29
N ASP B 139 -23.77 -18.49 -9.43
CA ASP B 139 -24.10 -17.36 -8.57
C ASP B 139 -24.15 -16.01 -9.27
N LYS B 140 -23.50 -15.90 -10.43
CA LYS B 140 -23.29 -14.59 -11.04
C LYS B 140 -24.59 -13.82 -11.27
N LYS B 141 -25.54 -14.44 -11.97
CA LYS B 141 -26.79 -13.76 -12.33
C LYS B 141 -27.51 -13.26 -11.08
N GLY B 142 -27.47 -14.03 -10.00
CA GLY B 142 -28.06 -13.61 -8.76
C GLY B 142 -27.34 -12.41 -8.14
N ILE B 143 -26.03 -12.44 -8.20
CA ILE B 143 -25.22 -11.34 -7.68
C ILE B 143 -25.48 -10.07 -8.50
N VAL B 144 -25.47 -10.21 -9.82
CA VAL B 144 -25.72 -9.10 -10.72
C VAL B 144 -27.09 -8.46 -10.48
N ASP B 145 -28.12 -9.27 -10.25
CA ASP B 145 -29.44 -8.71 -9.99
C ASP B 145 -29.52 -7.98 -8.66
N GLN B 146 -28.82 -8.49 -7.64
CA GLN B 146 -28.73 -7.80 -6.35
C GLN B 146 -28.10 -6.42 -6.54
N SER B 147 -27.01 -6.36 -7.31
CA SER B 147 -26.37 -5.07 -7.58
C SER B 147 -27.33 -4.10 -8.31
N GLN B 148 -27.94 -4.58 -9.38
CA GLN B 148 -28.82 -3.74 -10.20
C GLN B 148 -29.98 -3.18 -9.40
N GLN B 149 -30.58 -4.04 -8.58
CA GLN B 149 -31.75 -3.67 -7.81
C GLN B 149 -31.41 -2.62 -6.76
N ALA B 150 -30.25 -2.75 -6.11
CA ALA B 150 -29.84 -1.74 -5.12
C ALA B 150 -29.59 -0.40 -5.82
N TYR B 151 -28.82 -0.43 -6.92
CA TYR B 151 -28.57 0.79 -7.69
C TYR B 151 -29.88 1.45 -8.16
N GLN B 152 -30.78 0.64 -8.73
CA GLN B 152 -32.02 1.13 -9.28
C GLN B 152 -32.85 1.82 -8.21
N GLU B 153 -32.98 1.22 -7.02
CA GLU B 153 -33.73 1.88 -5.96
C GLU B 153 -33.06 3.18 -5.51
N ALA B 154 -31.74 3.16 -5.34
CA ALA B 154 -31.00 4.38 -5.05
C ALA B 154 -31.27 5.44 -6.12
N PHE B 155 -31.18 5.02 -7.38
CA PHE B 155 -31.33 5.90 -8.52
C PHE B 155 -32.68 6.64 -8.50
N GLU B 156 -33.75 5.88 -8.30
CA GLU B 156 -35.10 6.46 -8.24
C GLU B 156 -35.26 7.42 -7.08
N ILE B 157 -34.79 7.04 -5.89
CA ILE B 157 -34.89 7.91 -4.73
C ILE B 157 -34.09 9.21 -4.94
N SER B 158 -32.90 9.09 -5.54
CA SER B 158 -32.07 10.26 -5.76
C SER B 158 -32.71 11.25 -6.75
N LYS B 159 -33.31 10.74 -7.83
CA LYS B 159 -33.95 11.62 -8.81
C LYS B 159 -35.18 12.33 -8.21
N LYS B 160 -35.80 11.71 -7.21
CA LYS B 160 -36.94 12.30 -6.53
C LYS B 160 -36.55 13.33 -5.47
N GLU B 161 -35.48 13.06 -4.72
CA GLU B 161 -35.17 13.82 -3.52
C GLU B 161 -33.91 14.71 -3.57
N MET B 162 -33.07 14.54 -4.57
CA MET B 162 -31.80 15.27 -4.59
C MET B 162 -31.64 16.15 -5.84
N GLN B 163 -30.96 17.28 -5.68
CA GLN B 163 -30.59 18.14 -6.79
C GLN B 163 -29.65 17.40 -7.75
N PRO B 164 -29.70 17.74 -9.05
CA PRO B 164 -28.81 17.14 -10.06
C PRO B 164 -27.31 17.29 -9.77
N THR B 165 -26.94 18.31 -8.99
CA THR B 165 -25.54 18.55 -8.68
C THR B 165 -25.09 17.92 -7.35
N HIS B 166 -25.99 17.21 -6.67
CA HIS B 166 -25.63 16.60 -5.39
C HIS B 166 -24.56 15.56 -5.62
N PRO B 167 -23.46 15.61 -4.85
CA PRO B 167 -22.34 14.70 -5.09
C PRO B 167 -22.74 13.22 -4.93
N ILE B 168 -23.66 12.95 -4.03
CA ILE B 168 -24.11 11.57 -3.83
C ILE B 168 -24.92 11.10 -5.04
N ARG B 169 -25.80 11.96 -5.54
CA ARG B 169 -26.56 11.62 -6.74
C ARG B 169 -25.66 11.45 -7.96
N LEU B 170 -24.69 12.33 -8.13
CA LEU B 170 -23.73 12.21 -9.23
C LEU B 170 -22.86 10.96 -9.11
N GLY B 171 -22.38 10.69 -7.90
CA GLY B 171 -21.53 9.51 -7.65
C GLY B 171 -22.29 8.22 -7.93
N LEU B 172 -23.57 8.21 -7.63
CA LEU B 172 -24.43 7.07 -7.96
C LEU B 172 -24.55 6.88 -9.47
N ALA B 173 -24.84 7.97 -10.20
CA ALA B 173 -24.93 7.88 -11.66
C ALA B 173 -23.64 7.35 -12.26
N LEU B 174 -22.52 7.86 -11.77
CA LEU B 174 -21.21 7.41 -12.22
C LEU B 174 -21.05 5.89 -12.00
N ASN B 175 -21.29 5.41 -10.78
CA ASN B 175 -21.09 3.99 -10.53
C ASN B 175 -22.14 3.10 -11.22
N PHE B 176 -23.37 3.60 -11.33
CA PHE B 176 -24.44 2.83 -11.98
C PHE B 176 -24.14 2.73 -13.47
N SER B 177 -23.62 3.80 -14.07
CA SER B 177 -23.20 3.75 -15.47
C SER B 177 -22.06 2.75 -15.66
N VAL B 178 -21.12 2.71 -14.71
CA VAL B 178 -20.03 1.74 -14.79
C VAL B 178 -20.56 0.30 -14.67
N PHE B 179 -21.55 0.08 -13.79
CA PHE B 179 -22.23 -1.21 -13.68
C PHE B 179 -22.80 -1.64 -15.05
N TYR B 180 -23.51 -0.73 -15.71
CA TYR B 180 -24.06 -1.02 -17.04
C TYR B 180 -22.95 -1.37 -18.02
N TYR B 181 -21.85 -0.63 -17.98
CA TYR B 181 -20.78 -0.82 -18.95
C TYR B 181 -20.02 -2.10 -18.73
N GLU B 182 -19.55 -2.31 -17.49
CA GLU B 182 -18.65 -3.41 -17.17
C GLU B 182 -19.36 -4.71 -16.78
N ILE B 183 -20.51 -4.60 -16.13
CA ILE B 183 -21.16 -5.81 -15.65
C ILE B 183 -22.22 -6.28 -16.65
N LEU B 184 -23.10 -5.37 -17.08
CA LEU B 184 -24.17 -5.74 -18.02
C LEU B 184 -23.76 -5.71 -19.49
N ASN B 185 -22.52 -5.33 -19.76
CA ASN B 185 -22.03 -5.19 -21.13
C ASN B 185 -22.97 -4.39 -22.02
N SER B 186 -23.53 -3.30 -21.49
CA SER B 186 -24.40 -2.45 -22.29
C SER B 186 -23.86 -1.05 -22.38
N PRO B 187 -22.92 -0.81 -23.33
CA PRO B 187 -22.23 0.47 -23.52
C PRO B 187 -23.20 1.61 -23.77
N GLU B 188 -24.24 1.29 -24.52
CA GLU B 188 -25.20 2.29 -24.93
C GLU B 188 -26.02 2.84 -23.76
N LYS B 189 -26.46 1.96 -22.87
CA LYS B 189 -27.20 2.39 -21.69
C LYS B 189 -26.29 3.09 -20.68
N ALA B 190 -25.03 2.67 -20.64
CA ALA B 190 -24.05 3.31 -19.76
C ALA B 190 -23.85 4.77 -20.19
N CYS B 191 -23.71 4.98 -21.50
CA CYS B 191 -23.49 6.33 -22.04
C CYS B 191 -24.67 7.23 -21.81
N SER B 192 -25.86 6.72 -22.07
CA SER B 192 -27.07 7.48 -21.84
C SER B 192 -27.17 7.99 -20.39
N LEU B 193 -27.01 7.07 -19.45
CA LEU B 193 -27.04 7.40 -18.03
C LEU B 193 -25.98 8.46 -17.68
N ALA B 194 -24.74 8.24 -18.11
CA ALA B 194 -23.67 9.19 -17.81
C ALA B 194 -23.92 10.57 -18.44
N LYS B 195 -24.34 10.58 -19.70
CA LYS B 195 -24.58 11.84 -20.39
C LYS B 195 -25.68 12.65 -19.73
N THR B 196 -26.77 12.00 -19.38
CA THR B 196 -27.88 12.69 -18.72
C THR B 196 -27.44 13.32 -17.40
N ALA B 197 -26.71 12.55 -16.58
CA ALA B 197 -26.26 13.04 -15.28
C ALA B 197 -25.40 14.28 -15.43
N PHE B 198 -24.44 14.20 -16.36
CA PHE B 198 -23.54 15.30 -16.65
C PHE B 198 -24.29 16.54 -17.11
N ASP B 199 -25.18 16.37 -18.09
CA ASP B 199 -25.85 17.51 -18.72
C ASP B 199 -26.79 18.23 -17.76
N GLU B 200 -27.48 17.48 -16.92
CA GLU B 200 -28.39 18.08 -15.97
C GLU B 200 -27.67 18.81 -14.86
N ALA B 201 -26.45 18.37 -14.54
CA ALA B 201 -25.63 19.03 -13.52
C ALA B 201 -25.03 20.32 -14.07
N ILE B 202 -24.57 20.26 -15.32
CA ILE B 202 -24.02 21.42 -16.04
C ILE B 202 -24.99 22.60 -16.11
N ALA B 203 -26.27 22.29 -16.32
CA ALA B 203 -27.29 23.29 -16.46
C ALA B 203 -27.64 23.96 -15.12
N GLU B 204 -27.04 23.49 -14.02
CA GLU B 204 -27.39 24.04 -12.70
C GLU B 204 -26.22 24.25 -11.75
N LEU B 205 -25.14 24.84 -12.24
CA LEU B 205 -23.98 25.03 -11.38
C LEU B 205 -24.17 26.07 -10.27
N ASP B 206 -25.23 26.89 -10.35
CA ASP B 206 -25.50 27.85 -9.29
C ASP B 206 -25.94 27.17 -7.97
N THR B 207 -26.48 25.95 -8.07
CA THR B 207 -26.97 25.26 -6.87
C THR B 207 -25.86 24.54 -6.12
N LEU B 208 -24.62 24.69 -6.58
CA LEU B 208 -23.50 24.15 -5.83
C LEU B 208 -23.26 24.97 -4.57
N SER B 209 -22.79 24.29 -3.53
CA SER B 209 -22.36 24.92 -2.29
C SER B 209 -20.83 24.86 -2.15
N GLU B 210 -20.28 25.59 -1.18
CA GLU B 210 -18.83 25.57 -0.97
C GLU B 210 -18.40 24.22 -0.41
N GLU B 211 -19.34 23.54 0.25
CA GLU B 211 -19.07 22.21 0.80
C GLU B 211 -18.96 21.12 -0.26
N SER B 212 -19.66 21.28 -1.38
CA SER B 212 -19.76 20.17 -2.33
C SER B 212 -19.31 20.46 -3.75
N TYR B 213 -18.94 21.69 -4.06
CA TYR B 213 -18.64 22.01 -5.45
C TYR B 213 -17.41 21.27 -5.97
N LYS B 214 -16.46 20.97 -5.08
CA LYS B 214 -15.27 20.28 -5.53
C LYS B 214 -15.53 18.79 -5.77
N ASP B 215 -16.31 18.17 -4.90
CA ASP B 215 -16.66 16.77 -5.09
C ASP B 215 -17.52 16.62 -6.34
N SER B 216 -18.53 17.47 -6.47
CA SER B 216 -19.46 17.36 -7.58
C SER B 216 -18.77 17.57 -8.91
N THR B 217 -17.89 18.57 -9.02
CA THR B 217 -17.26 18.83 -10.31
C THR B 217 -16.23 17.75 -10.68
N LEU B 218 -15.60 17.13 -9.69
CA LEU B 218 -14.69 16.01 -10.01
C LEU B 218 -15.45 14.83 -10.62
N ILE B 219 -16.61 14.52 -10.05
CA ILE B 219 -17.42 13.41 -10.56
C ILE B 219 -17.90 13.70 -11.98
N MET B 220 -18.32 14.94 -12.22
CA MET B 220 -18.74 15.36 -13.55
C MET B 220 -17.62 15.12 -14.54
N GLN B 221 -16.40 15.48 -14.14
CA GLN B 221 -15.26 15.27 -15.01
C GLN B 221 -15.05 13.80 -15.32
N LEU B 222 -15.27 12.94 -14.31
CA LEU B 222 -15.11 11.48 -14.49
C LEU B 222 -16.22 10.89 -15.36
N LEU B 223 -17.45 11.38 -15.16
CA LEU B 223 -18.55 11.03 -16.06
C LEU B 223 -18.12 11.29 -17.50
N ARG B 224 -17.56 12.48 -17.75
CA ARG B 224 -17.22 12.83 -19.14
C ARG B 224 -16.01 12.06 -19.64
N ASP B 225 -15.05 11.80 -18.76
CA ASP B 225 -13.91 10.95 -19.09
C ASP B 225 -14.38 9.59 -19.56
N ASN B 226 -15.31 8.98 -18.81
CA ASN B 226 -15.86 7.68 -19.18
C ASN B 226 -16.57 7.76 -20.53
N LEU B 227 -17.42 8.77 -20.70
CA LEU B 227 -18.16 8.96 -21.94
C LEU B 227 -17.23 8.96 -23.15
N THR B 228 -16.16 9.74 -23.06
CA THR B 228 -15.16 9.83 -24.12
C THR B 228 -14.54 8.48 -24.44
N LEU B 229 -14.12 7.78 -23.40
CA LEU B 229 -13.48 6.48 -23.59
C LEU B 229 -14.44 5.46 -24.21
N TRP B 230 -15.67 5.42 -23.70
CA TRP B 230 -16.64 4.41 -24.13
C TRP B 230 -17.08 4.60 -25.58
N THR B 231 -17.06 5.84 -26.07
CA THR B 231 -17.52 6.13 -27.42
C THR B 231 -16.39 6.34 -28.44
N SER B 232 -15.19 5.90 -28.10
CA SER B 232 -14.05 6.03 -29.01
C SER B 232 -13.84 4.77 -29.84
N LYS C 2 12.57 18.22 -0.32
CA LYS C 2 13.71 17.32 -0.50
C LYS C 2 14.22 16.80 0.84
N ARG C 3 14.38 15.48 0.92
CA ARG C 3 14.73 14.80 2.17
C ARG C 3 15.87 13.81 1.95
N THR C 4 16.52 13.41 3.05
CA THR C 4 17.58 12.41 3.00
C THR C 4 17.07 11.10 2.37
N ALA C 5 17.85 10.52 1.46
CA ALA C 5 17.45 9.27 0.84
C ALA C 5 18.44 8.13 1.12
N SEP C 6 17.91 6.93 1.33
CA SEP C 6 18.74 5.73 1.45
CB SEP C 6 18.29 4.89 2.64
OG SEP C 6 16.95 4.44 2.46
C SEP C 6 18.70 4.93 0.14
O SEP C 6 18.05 5.35 -0.82
P SEP C 6 16.38 3.61 3.73
O1P SEP C 6 17.26 2.29 3.97
O2P SEP C 6 14.89 3.18 3.40
O3P SEP C 6 16.44 4.51 5.06
N ASN C 7 19.37 3.79 0.10
CA ASN C 7 19.46 2.97 -1.13
C ASN C 7 18.07 2.49 -1.56
N PRO C 8 17.63 2.85 -2.78
CA PRO C 8 16.31 2.42 -3.22
C PRO C 8 16.39 1.07 -3.92
N LYS C 9 15.31 0.31 -4.01
CA LYS C 9 15.39 -0.98 -4.70
C LYS C 9 14.05 -1.34 -5.30
N LYS D 2 -5.72 4.72 -20.65
CA LYS D 2 -6.97 5.29 -20.17
C LYS D 2 -7.97 4.18 -19.89
N ARG D 3 -8.58 4.23 -18.71
CA ARG D 3 -9.47 3.16 -18.27
C ARG D 3 -10.75 3.72 -17.65
N THR D 4 -11.77 2.87 -17.59
CA THR D 4 -13.02 3.21 -16.94
C THR D 4 -12.80 3.59 -15.46
N ALA D 5 -13.42 4.69 -15.02
CA ALA D 5 -13.27 5.10 -13.63
C ALA D 5 -14.61 5.08 -12.89
N SEP D 6 -14.56 4.67 -11.62
CA SEP D 6 -15.72 4.73 -10.75
CB SEP D 6 -15.97 3.38 -10.06
OG SEP D 6 -14.85 3.04 -9.25
C SEP D 6 -15.51 5.83 -9.70
O SEP D 6 -14.51 6.52 -9.73
P SEP D 6 -14.97 1.58 -8.55
O1P SEP D 6 -15.09 0.41 -9.65
O2P SEP D 6 -13.59 1.36 -7.74
O3P SEP D 6 -16.20 1.56 -7.52
N ASN D 7 -16.45 5.96 -8.77
CA ASN D 7 -16.44 7.07 -7.83
C ASN D 7 -15.24 6.99 -6.87
N PRO D 8 -14.40 8.04 -6.87
CA PRO D 8 -13.28 8.16 -5.95
C PRO D 8 -13.78 8.85 -4.69
N LYS D 9 -13.03 8.80 -3.60
CA LYS D 9 -13.46 9.51 -2.40
C LYS D 9 -12.26 10.06 -1.65
#